data_7EA0
#
_entry.id   7EA0
#
_cell.length_a   108.041
_cell.length_b   108.041
_cell.length_c   83.999
_cell.angle_alpha   90.000
_cell.angle_beta   90.000
_cell.angle_gamma   120.000
#
_symmetry.space_group_name_H-M   'P 64'
#
loop_
_entity.id
_entity.type
_entity.pdbx_description
1 polymer '[Pyruvate dehydrogenase (acetyl-transferring)] kinase isozyme 2, mitochondrial'
2 non-polymer 'CHLORIDE ION'
3 non-polymer 'ACETATE ION'
4 non-polymer 'DIMETHYL SULFOXIDE'
5 non-polymer 1,3-dihydro-2H-indol-2-one
6 water water
#
_entity_poly.entity_id   1
_entity_poly.type   'polypeptide(L)'
_entity_poly.pdbx_seq_one_letter_code
;GSAPKYIEHFSKFSPSPLSMKQFLDFGSSNACEKTSFTFLRQELPVRLANIMKEINLLPDRVLSTPSVQLVQSWYVQSLL
DIMEFLDKDPEDHRTLSQFTDALVTIRNRHNDVVPTMAQGVLEYKDTYGDDPVSNQNIQYFLDRFYLSRISIRMLINQHT
LIFDGSTNPAHPKHIGSIDPNCNVSEVVKDAYDMAKLLCDKYYMASPDLEIQEINAANSKQPIHMVYVPSHLYHMLFELF
KNAMRATVESHESSLILPPIKVMVALGEEDLSIKMSDRGGGVPLRKIERLFSYMYSTAPTPQPGTGGTPLAGFGYGLPIS
RLYAKYFQGDLQLFSMEGFGTDAVIYLKALSTDSVERLPVYNKSAWRHYQTIQEAGDWCVPSTEPKNTSTYRVS
;
_entity_poly.pdbx_strand_id   A
#
loop_
_chem_comp.id
_chem_comp.type
_chem_comp.name
_chem_comp.formula
ACT non-polymer 'ACETATE ION' 'C2 H3 O2 -1'
CL non-polymer 'CHLORIDE ION' 'Cl -1'
DMS non-polymer 'DIMETHYL SULFOXIDE' 'C2 H6 O S'
W6P non-polymer 1,3-dihydro-2H-indol-2-one 'C8 H7 N O'
#
# COMPACT_ATOMS: atom_id res chain seq x y z
N GLY A 1 33.36 -2.49 -0.42
CA GLY A 1 32.77 -1.22 -0.88
C GLY A 1 32.41 -0.32 0.28
N SER A 2 31.55 0.68 0.04
CA SER A 2 31.18 1.64 1.10
C SER A 2 29.68 1.54 1.41
N ALA A 3 28.97 0.60 0.77
CA ALA A 3 27.55 0.37 1.08
C ALA A 3 27.32 0.17 2.56
N PRO A 4 28.07 -0.68 3.30
CA PRO A 4 27.88 -0.81 4.75
C PRO A 4 28.12 0.52 5.47
N LYS A 5 29.10 1.32 5.02
CA LYS A 5 29.41 2.64 5.61
C LYS A 5 28.22 3.59 5.39
N TYR A 6 27.58 3.56 4.21
CA TYR A 6 26.47 4.47 3.86
C TYR A 6 25.20 4.09 4.61
N ILE A 7 24.88 2.80 4.74
CA ILE A 7 23.74 2.34 5.52
C ILE A 7 23.86 2.81 6.96
N GLU A 8 25.03 2.61 7.58
CA GLU A 8 25.21 2.99 8.97
C GLU A 8 25.04 4.49 9.15
N HIS A 9 25.53 5.28 8.20
CA HIS A 9 25.42 6.74 8.29
C HIS A 9 23.96 7.17 8.27
N PHE A 10 23.28 6.96 7.14
CA PHE A 10 21.90 7.39 7.00
C PHE A 10 20.96 6.63 7.92
N SER A 11 21.39 5.49 8.45
CA SER A 11 20.57 4.78 9.43
C SER A 11 20.40 5.59 10.71
N LYS A 12 21.36 6.47 11.02
CA LYS A 12 21.26 7.29 12.23
C LYS A 12 20.17 8.35 12.11
N PHE A 13 19.78 8.72 10.89
CA PHE A 13 18.72 9.70 10.70
C PHE A 13 17.35 9.01 10.80
N SER A 14 16.37 9.77 11.27
CA SER A 14 15.01 9.26 11.29
C SER A 14 14.27 9.69 10.02
N PRO A 15 13.44 8.82 9.43
CA PRO A 15 12.62 9.26 8.31
C PRO A 15 11.75 10.46 8.69
N SER A 16 11.51 11.32 7.71
CA SER A 16 10.68 12.52 7.93
C SER A 16 9.31 12.29 7.34
N PRO A 17 8.30 11.93 8.14
CA PRO A 17 6.96 11.72 7.58
C PRO A 17 6.34 13.02 7.11
N LEU A 18 5.77 12.98 5.91
CA LEU A 18 5.14 14.15 5.30
C LEU A 18 3.62 14.05 5.40
N SER A 19 2.97 15.21 5.39
CA SER A 19 1.52 15.30 5.42
C SER A 19 0.98 15.54 4.01
N MET A 20 -0.33 15.33 3.85
CA MET A 20 -0.97 15.61 2.58
C MET A 20 -0.71 17.05 2.15
N LYS A 21 -0.74 17.98 3.10
CA LYS A 21 -0.45 19.37 2.77
C LYS A 21 0.97 19.51 2.21
N GLN A 22 1.95 18.97 2.91
CA GLN A 22 3.33 19.04 2.43
C GLN A 22 3.47 18.44 1.04
N PHE A 23 2.76 17.34 0.78
CA PHE A 23 2.78 16.75 -0.55
C PHE A 23 2.22 17.72 -1.58
N LEU A 24 1.11 18.39 -1.25
CA LEU A 24 0.46 19.35 -2.20
C LEU A 24 1.38 20.56 -2.40
N ASP A 25 2.08 21.00 -1.35
CA ASP A 25 3.04 22.15 -1.43
C ASP A 25 4.20 21.81 -2.35
N PHE A 26 4.74 20.59 -2.26
CA PHE A 26 5.87 20.14 -3.12
C PHE A 26 5.41 20.14 -4.57
N GLY A 27 4.16 19.76 -4.82
CA GLY A 27 3.60 19.66 -6.18
C GLY A 27 2.87 20.92 -6.64
N SER A 28 2.95 22.01 -5.88
CA SER A 28 2.23 23.26 -6.19
C SER A 28 2.66 23.81 -7.55
N SER A 29 3.95 23.79 -7.87
CA SER A 29 4.50 24.32 -9.15
C SER A 29 5.65 23.44 -9.66
N ASN A 30 5.93 23.46 -10.97
CA ASN A 30 7.09 22.73 -11.56
C ASN A 30 8.39 23.38 -11.08
N ALA A 31 8.35 24.66 -10.69
CA ALA A 31 9.52 25.41 -10.19
C ALA A 31 10.04 24.75 -8.91
N CYS A 32 9.18 24.07 -8.16
CA CYS A 32 9.55 23.39 -6.88
C CYS A 32 10.55 22.26 -7.11
N GLU A 33 10.73 21.76 -8.34
CA GLU A 33 11.64 20.62 -8.66
C GLU A 33 12.97 20.67 -7.88
N LYS A 34 13.56 21.84 -7.61
CA LYS A 34 14.83 21.97 -6.90
C LYS A 34 14.67 21.56 -5.44
N THR A 35 13.64 22.07 -4.77
CA THR A 35 13.42 21.72 -3.38
C THR A 35 13.10 20.24 -3.22
N SER A 36 12.37 19.67 -4.19
CA SER A 36 12.10 18.23 -4.15
C SER A 36 13.37 17.43 -4.31
N PHE A 37 14.27 17.88 -5.18
CA PHE A 37 15.55 17.19 -5.38
C PHE A 37 16.39 17.23 -4.11
N THR A 38 16.53 18.42 -3.51
CA THR A 38 17.35 18.55 -2.31
C THR A 38 16.77 17.78 -1.13
N PHE A 39 15.45 17.65 -1.07
CA PHE A 39 14.83 16.87 -0.01
C PHE A 39 14.96 15.38 -0.26
N LEU A 40 14.75 14.94 -1.50
CA LEU A 40 14.72 13.51 -1.78
C LEU A 40 16.10 12.89 -1.78
N ARG A 41 17.13 13.63 -2.20
CA ARG A 41 18.47 13.07 -2.21
C ARG A 41 19.00 12.82 -0.80
N GLN A 42 18.35 13.36 0.23
CA GLN A 42 18.66 13.04 1.62
C GLN A 42 17.63 12.10 2.23
N GLU A 43 16.35 12.29 1.92
CA GLU A 43 15.30 11.50 2.56
C GLU A 43 15.30 10.06 2.03
N LEU A 44 15.46 9.88 0.72
CA LEU A 44 15.44 8.54 0.16
C LEU A 44 16.57 7.68 0.69
N PRO A 45 17.83 8.15 0.75
CA PRO A 45 18.86 7.35 1.43
C PRO A 45 18.52 7.04 2.88
N VAL A 46 17.88 7.97 3.59
CA VAL A 46 17.55 7.73 4.99
C VAL A 46 16.53 6.60 5.11
N ARG A 47 15.47 6.62 4.30
CA ARG A 47 14.47 5.57 4.38
C ARG A 47 15.01 4.25 3.87
N LEU A 48 15.77 4.27 2.77
CA LEU A 48 16.40 3.04 2.29
C LEU A 48 17.34 2.45 3.33
N ALA A 49 18.22 3.28 3.89
CA ALA A 49 19.19 2.77 4.85
C ALA A 49 18.51 2.21 6.10
N ASN A 50 17.44 2.86 6.56
CA ASN A 50 16.77 2.41 7.77
C ASN A 50 16.21 1.01 7.61
N ILE A 51 15.50 0.75 6.51
CA ILE A 51 14.97 -0.59 6.30
C ILE A 51 16.10 -1.56 5.92
N MET A 52 17.11 -1.08 5.19
CA MET A 52 18.26 -1.93 4.88
C MET A 52 18.99 -2.35 6.15
N LYS A 53 18.98 -1.49 7.18
CA LYS A 53 19.62 -1.85 8.43
C LYS A 53 18.82 -2.91 9.18
N GLU A 54 17.49 -2.83 9.11
CA GLU A 54 16.65 -3.84 9.75
C GLU A 54 16.76 -5.18 9.04
N ILE A 55 16.88 -5.16 7.71
CA ILE A 55 17.09 -6.39 6.96
C ILE A 55 18.35 -7.11 7.46
N ASN A 56 19.44 -6.35 7.65
CA ASN A 56 20.68 -6.96 8.13
C ASN A 56 20.56 -7.47 9.56
N LEU A 57 19.54 -7.04 10.30
CA LEU A 57 19.31 -7.52 11.66
C LEU A 57 18.42 -8.76 11.71
N LEU A 58 17.94 -9.23 10.56
CA LEU A 58 17.18 -10.47 10.51
C LEU A 58 18.09 -11.65 10.83
N PRO A 59 17.53 -12.75 11.34
CA PRO A 59 18.36 -13.93 11.60
C PRO A 59 19.04 -14.42 10.34
N ASP A 60 20.17 -15.10 10.52
CA ASP A 60 20.96 -15.55 9.38
C ASP A 60 20.21 -16.57 8.53
N ARG A 61 19.25 -17.30 9.11
CA ARG A 61 18.47 -18.23 8.30
C ARG A 61 17.58 -17.50 7.31
N VAL A 62 17.18 -16.27 7.62
CA VAL A 62 16.43 -15.45 6.69
C VAL A 62 17.34 -14.56 5.86
N LEU A 63 18.41 -14.03 6.48
CA LEU A 63 19.27 -13.09 5.78
C LEU A 63 20.08 -13.76 4.68
N SER A 64 20.36 -15.06 4.81
CA SER A 64 21.16 -15.79 3.83
C SER A 64 20.33 -16.38 2.70
N THR A 65 19.03 -16.11 2.67
CA THR A 65 18.19 -16.66 1.61
C THR A 65 18.44 -15.90 0.31
N PRO A 66 18.23 -16.55 -0.85
CA PRO A 66 18.42 -15.84 -2.12
C PRO A 66 17.42 -14.71 -2.32
N SER A 67 16.24 -14.80 -1.73
N SER A 67 16.24 -14.79 -1.71
CA SER A 67 15.25 -13.74 -1.88
CA SER A 67 15.24 -13.74 -1.89
C SER A 67 15.67 -12.48 -1.15
C SER A 67 15.66 -12.47 -1.15
N VAL A 68 16.03 -12.61 0.13
CA VAL A 68 16.43 -11.43 0.91
C VAL A 68 17.70 -10.82 0.33
N GLN A 69 18.63 -11.66 -0.12
CA GLN A 69 19.87 -11.14 -0.69
C GLN A 69 19.63 -10.47 -2.03
N LEU A 70 18.72 -11.01 -2.85
CA LEU A 70 18.38 -10.36 -4.11
C LEU A 70 17.78 -8.98 -3.87
N VAL A 71 16.84 -8.90 -2.92
CA VAL A 71 16.22 -7.61 -2.61
C VAL A 71 17.23 -6.67 -1.98
N GLN A 72 18.05 -7.18 -1.05
CA GLN A 72 19.09 -6.35 -0.46
C GLN A 72 20.04 -5.82 -1.52
N SER A 73 20.27 -6.57 -2.59
CA SER A 73 21.13 -6.10 -3.67
C SER A 73 20.47 -4.97 -4.43
N TRP A 74 19.16 -5.06 -4.66
CA TRP A 74 18.45 -3.96 -5.30
C TRP A 74 18.52 -2.70 -4.45
N TYR A 75 18.34 -2.83 -3.14
CA TYR A 75 18.36 -1.66 -2.26
C TYR A 75 19.75 -1.03 -2.24
N VAL A 76 20.80 -1.85 -2.17
CA VAL A 76 22.16 -1.31 -2.19
C VAL A 76 22.39 -0.52 -3.46
N GLN A 77 21.97 -1.07 -4.60
CA GLN A 77 22.16 -0.38 -5.87
C GLN A 77 21.34 0.91 -5.92
N SER A 78 20.09 0.86 -5.45
CA SER A 78 19.27 2.06 -5.42
C SER A 78 19.88 3.12 -4.52
N LEU A 79 20.35 2.73 -3.33
CA LEU A 79 21.00 3.68 -2.43
C LEU A 79 22.18 4.35 -3.13
N LEU A 80 23.01 3.55 -3.82
CA LEU A 80 24.19 4.12 -4.47
C LEU A 80 23.81 5.02 -5.63
N ASP A 81 22.76 4.66 -6.37
CA ASP A 81 22.33 5.50 -7.49
C ASP A 81 21.92 6.89 -7.01
N ILE A 82 21.27 6.98 -5.84
CA ILE A 82 20.76 8.27 -5.28
C ILE A 82 21.92 9.07 -4.68
N MET A 83 22.91 8.39 -4.09
CA MET A 83 24.05 9.06 -3.41
C MET A 83 24.97 9.76 -4.42
N GLU A 84 24.90 9.40 -5.70
CA GLU A 84 25.68 10.06 -6.78
C GLU A 84 25.28 11.53 -6.88
N PHE A 85 24.02 11.89 -6.55
CA PHE A 85 23.51 13.24 -6.70
C PHE A 85 23.76 14.11 -5.47
N LEU A 86 24.35 13.56 -4.41
CA LEU A 86 24.53 14.32 -3.18
C LEU A 86 25.39 15.56 -3.41
N ASP A 87 26.45 15.43 -4.21
CA ASP A 87 27.35 16.54 -4.46
C ASP A 87 26.95 17.37 -5.66
N LYS A 88 26.08 16.86 -6.53
CA LYS A 88 25.70 17.59 -7.73
C LYS A 88 24.96 18.87 -7.36
N ASP A 89 24.79 19.74 -8.37
CA ASP A 89 24.25 21.07 -8.14
C ASP A 89 22.78 21.11 -8.54
N PRO A 90 21.88 21.56 -7.66
CA PRO A 90 20.46 21.61 -8.04
C PRO A 90 20.18 22.59 -9.16
N GLU A 91 21.00 23.63 -9.31
CA GLU A 91 20.72 24.65 -10.31
C GLU A 91 20.94 24.15 -11.73
N ASP A 92 21.68 23.06 -11.91
CA ASP A 92 21.91 22.50 -13.24
C ASP A 92 20.72 21.64 -13.63
N HIS A 93 20.01 22.04 -14.69
CA HIS A 93 18.81 21.30 -15.10
C HIS A 93 19.13 19.88 -15.53
N ARG A 94 20.38 19.59 -15.88
CA ARG A 94 20.76 18.21 -16.18
C ARG A 94 20.84 17.37 -14.91
N THR A 95 21.33 17.96 -13.81
CA THR A 95 21.34 17.27 -12.54
C THR A 95 19.92 16.85 -12.14
N LEU A 96 18.94 17.72 -12.40
CA LEU A 96 17.56 17.39 -12.05
C LEU A 96 16.98 16.37 -13.02
N SER A 97 17.22 16.55 -14.32
CA SER A 97 16.70 15.60 -15.30
C SER A 97 17.27 14.21 -15.09
N GLN A 98 18.52 14.12 -14.64
CA GLN A 98 19.12 12.81 -14.37
C GLN A 98 18.53 12.18 -13.11
N PHE A 99 18.26 13.00 -12.10
CA PHE A 99 17.63 12.50 -10.88
C PHE A 99 16.28 11.83 -11.20
N THR A 100 15.43 12.54 -11.95
CA THR A 100 14.14 11.99 -12.33
C THR A 100 14.31 10.67 -13.06
N ASP A 101 15.25 10.60 -14.01
CA ASP A 101 15.50 9.35 -14.71
C ASP A 101 16.05 8.28 -13.77
N ALA A 102 16.84 8.69 -12.77
CA ALA A 102 17.37 7.71 -11.82
C ALA A 102 16.30 7.17 -10.89
N LEU A 103 15.28 7.97 -10.58
CA LEU A 103 14.21 7.49 -9.73
C LEU A 103 13.35 6.46 -10.46
N VAL A 104 13.07 6.70 -11.74
CA VAL A 104 12.26 5.74 -12.51
C VAL A 104 12.97 4.41 -12.60
N THR A 105 14.30 4.42 -12.79
CA THR A 105 15.06 3.19 -12.82
C THR A 105 14.98 2.46 -11.48
N ILE A 106 15.15 3.20 -10.39
CA ILE A 106 15.06 2.59 -9.06
C ILE A 106 13.68 1.97 -8.86
N ARG A 107 12.62 2.67 -9.28
CA ARG A 107 11.28 2.15 -9.12
C ARG A 107 11.10 0.84 -9.88
N ASN A 108 11.56 0.79 -11.13
CA ASN A 108 11.39 -0.42 -11.94
C ASN A 108 12.28 -1.54 -11.44
N ARG A 109 13.44 -1.21 -10.85
CA ARG A 109 14.31 -2.23 -10.30
C ARG A 109 13.62 -3.01 -9.17
N HIS A 110 12.77 -2.34 -8.40
CA HIS A 110 12.09 -2.96 -7.27
C HIS A 110 10.65 -3.38 -7.61
N ASN A 111 10.32 -3.47 -8.91
CA ASN A 111 8.95 -3.76 -9.30
C ASN A 111 8.50 -5.14 -8.82
N ASP A 112 9.41 -6.10 -8.75
CA ASP A 112 9.04 -7.47 -8.42
C ASP A 112 9.53 -7.86 -7.02
N VAL A 113 9.29 -6.99 -6.04
CA VAL A 113 9.74 -7.27 -4.67
C VAL A 113 8.68 -8.00 -3.87
N VAL A 114 7.40 -7.66 -4.07
CA VAL A 114 6.32 -8.30 -3.35
C VAL A 114 6.31 -9.80 -3.63
N PRO A 115 6.25 -10.24 -4.90
CA PRO A 115 6.30 -11.68 -5.16
C PRO A 115 7.63 -12.31 -4.75
N THR A 116 8.72 -11.56 -4.81
CA THR A 116 10.01 -12.12 -4.40
C THR A 116 10.03 -12.38 -2.89
N MET A 117 9.51 -11.43 -2.11
CA MET A 117 9.43 -11.58 -0.63
C MET A 117 8.41 -12.66 -0.30
N ALA A 118 7.42 -12.88 -1.17
CA ALA A 118 6.39 -13.94 -0.99
C ALA A 118 7.04 -15.31 -1.21
N GLN A 119 7.99 -15.43 -2.15
CA GLN A 119 8.75 -16.66 -2.34
C GLN A 119 9.59 -16.98 -1.11
N GLY A 120 10.14 -15.95 -0.46
CA GLY A 120 10.91 -16.18 0.75
C GLY A 120 10.06 -16.74 1.88
N VAL A 121 8.86 -16.21 2.06
CA VAL A 121 7.96 -16.73 3.08
C VAL A 121 7.66 -18.21 2.82
N LEU A 122 7.37 -18.56 1.56
CA LEU A 122 7.13 -19.95 1.24
C LEU A 122 8.35 -20.81 1.51
N GLU A 123 9.53 -20.31 1.13
CA GLU A 123 10.76 -21.05 1.42
C GLU A 123 10.94 -21.26 2.92
N TYR A 124 10.67 -20.22 3.71
CA TYR A 124 10.80 -20.35 5.16
C TYR A 124 9.85 -21.41 5.70
N LYS A 125 8.58 -21.36 5.28
CA LYS A 125 7.60 -22.32 5.79
C LYS A 125 8.04 -23.75 5.53
N ASP A 126 8.66 -24.01 4.38
CA ASP A 126 9.06 -25.36 4.02
C ASP A 126 10.44 -25.72 4.54
N THR A 127 11.27 -24.74 4.88
CA THR A 127 12.61 -25.02 5.38
C THR A 127 12.67 -25.06 6.90
N TYR A 128 11.83 -24.28 7.59
CA TYR A 128 11.87 -24.19 9.05
C TYR A 128 10.52 -24.35 9.74
N GLY A 129 9.41 -24.27 9.03
CA GLY A 129 8.10 -24.52 9.60
C GLY A 129 7.28 -23.25 9.74
N ASP A 130 6.00 -23.45 10.07
CA ASP A 130 5.04 -22.36 10.18
C ASP A 130 4.57 -22.18 11.62
N ASP A 131 5.48 -21.92 12.53
CA ASP A 131 5.14 -21.73 13.93
C ASP A 131 4.63 -20.32 14.18
N PRO A 132 3.95 -20.08 15.32
CA PRO A 132 3.41 -18.74 15.57
C PRO A 132 4.49 -17.68 15.76
N VAL A 133 5.61 -18.03 16.38
CA VAL A 133 6.66 -17.04 16.60
C VAL A 133 7.26 -16.60 15.27
N SER A 134 7.41 -17.53 14.33
CA SER A 134 7.86 -17.17 12.99
C SER A 134 6.83 -16.27 12.30
N ASN A 135 5.55 -16.48 12.58
CA ASN A 135 4.50 -15.65 11.98
C ASN A 135 4.61 -14.22 12.46
N GLN A 136 4.80 -14.01 13.77
CA GLN A 136 4.87 -12.67 14.31
C GLN A 136 6.10 -11.94 13.81
N ASN A 137 7.24 -12.63 13.71
CA ASN A 137 8.46 -11.98 13.25
C ASN A 137 8.39 -11.67 11.75
N ILE A 138 7.87 -12.60 10.96
CA ILE A 138 7.67 -12.32 9.54
C ILE A 138 6.64 -11.21 9.36
N GLN A 139 5.54 -11.27 10.11
CA GLN A 139 4.52 -10.23 10.03
C GLN A 139 5.10 -8.87 10.40
N TYR A 140 5.83 -8.83 11.52
CA TYR A 140 6.42 -7.57 11.96
C TYR A 140 7.35 -6.98 10.90
N PHE A 141 8.23 -7.81 10.34
CA PHE A 141 9.19 -7.31 9.37
C PHE A 141 8.53 -6.90 8.06
N LEU A 142 7.66 -7.77 7.52
CA LEU A 142 7.08 -7.48 6.21
C LEU A 142 6.16 -6.27 6.27
N ASP A 143 5.36 -6.14 7.33
CA ASP A 143 4.53 -4.94 7.50
C ASP A 143 5.39 -3.69 7.43
N ARG A 144 6.52 -3.69 8.13
CA ARG A 144 7.39 -2.52 8.13
C ARG A 144 8.13 -2.38 6.80
N PHE A 145 8.54 -3.51 6.21
CA PHE A 145 9.22 -3.46 4.92
C PHE A 145 8.30 -2.92 3.84
N TYR A 146 7.10 -3.51 3.72
CA TYR A 146 6.17 -3.07 2.68
C TYR A 146 5.72 -1.64 2.91
N LEU A 147 5.49 -1.25 4.17
CA LEU A 147 5.10 0.13 4.44
C LEU A 147 6.20 1.09 4.02
N SER A 148 7.45 0.77 4.36
CA SER A 148 8.58 1.56 3.86
C SER A 148 8.55 1.64 2.35
N ARG A 149 8.37 0.49 1.69
CA ARG A 149 8.33 0.40 0.21
C ARG A 149 7.22 1.29 -0.33
N ILE A 150 6.03 1.33 0.29
CA ILE A 150 4.94 2.21 -0.12
C ILE A 150 5.35 3.67 0.02
N SER A 151 5.99 4.01 1.14
CA SER A 151 6.40 5.40 1.36
C SER A 151 7.42 5.84 0.32
N ILE A 152 8.40 4.99 0.02
CA ILE A 152 9.43 5.36 -0.95
C ILE A 152 8.83 5.53 -2.34
N ARG A 153 8.00 4.57 -2.76
CA ARG A 153 7.35 4.69 -4.07
C ARG A 153 6.47 5.93 -4.15
N MET A 154 5.83 6.30 -3.04
CA MET A 154 5.04 7.52 -3.01
C MET A 154 5.91 8.75 -3.31
N LEU A 155 7.03 8.87 -2.59
CA LEU A 155 7.95 9.98 -2.85
C LEU A 155 8.40 9.99 -4.31
N ILE A 156 8.79 8.83 -4.83
CA ILE A 156 9.27 8.76 -6.21
C ILE A 156 8.16 9.13 -7.18
N ASN A 157 6.95 8.61 -6.96
CA ASN A 157 5.85 8.88 -7.87
C ASN A 157 5.50 10.36 -7.89
N GLN A 158 5.56 11.03 -6.73
CA GLN A 158 5.19 12.43 -6.67
C GLN A 158 6.18 13.30 -7.44
N HIS A 159 7.47 12.93 -7.43
CA HIS A 159 8.47 13.71 -8.14
C HIS A 159 8.43 13.44 -9.64
N THR A 160 8.42 12.16 -10.02
CA THR A 160 8.47 11.82 -11.45
C THR A 160 7.18 12.21 -12.16
N LEU A 161 6.05 12.19 -11.47
CA LEU A 161 4.78 12.53 -12.11
C LEU A 161 4.60 14.04 -12.26
N ILE A 162 5.00 14.81 -11.25
CA ILE A 162 4.77 16.25 -11.28
C ILE A 162 5.84 16.96 -12.09
N PHE A 163 7.10 16.59 -11.90
CA PHE A 163 8.22 17.23 -12.61
C PHE A 163 8.60 16.41 -13.84
N ASP A 164 7.62 16.25 -14.74
CA ASP A 164 7.79 15.47 -15.95
C ASP A 164 8.17 16.31 -17.15
N GLY A 165 8.03 17.63 -17.08
CA GLY A 165 8.37 18.50 -18.19
C GLY A 165 7.19 18.73 -19.13
N LYS A 173 -4.96 20.04 -11.74
CA LYS A 173 -6.07 19.50 -10.97
C LYS A 173 -5.58 18.40 -10.04
N HIS A 174 -4.90 17.41 -10.61
CA HIS A 174 -4.28 16.35 -9.84
C HIS A 174 -2.83 16.73 -9.53
N ILE A 175 -2.43 16.50 -8.28
CA ILE A 175 -1.06 16.76 -7.87
C ILE A 175 -0.31 15.44 -7.83
N GLY A 176 0.18 15.00 -8.98
CA GLY A 176 0.86 13.72 -9.09
C GLY A 176 -0.09 12.55 -8.90
N SER A 177 0.16 11.75 -7.86
CA SER A 177 -0.72 10.64 -7.52
C SER A 177 -1.85 11.06 -6.59
N ILE A 178 -1.89 12.32 -6.16
CA ILE A 178 -2.87 12.80 -5.19
C ILE A 178 -3.98 13.53 -5.94
N ASP A 179 -5.22 13.22 -5.58
CA ASP A 179 -6.38 13.92 -6.13
C ASP A 179 -6.97 14.78 -5.02
N PRO A 180 -6.82 16.11 -5.07
CA PRO A 180 -7.36 16.95 -3.98
C PRO A 180 -8.87 16.91 -3.87
N ASN A 181 -9.57 16.42 -4.89
CA ASN A 181 -11.03 16.32 -4.89
C ASN A 181 -11.45 14.92 -5.29
N CYS A 182 -10.88 13.93 -4.61
CA CYS A 182 -11.17 12.54 -4.91
C CYS A 182 -12.61 12.20 -4.53
N ASN A 183 -13.42 11.84 -5.53
CA ASN A 183 -14.77 11.36 -5.26
C ASN A 183 -14.69 9.87 -4.94
N VAL A 184 -14.95 9.52 -3.68
CA VAL A 184 -14.73 8.15 -3.23
C VAL A 184 -15.64 7.19 -3.98
N SER A 185 -16.90 7.56 -4.17
CA SER A 185 -17.85 6.66 -4.83
C SER A 185 -17.40 6.32 -6.24
N GLU A 186 -16.73 7.25 -6.92
CA GLU A 186 -16.26 6.96 -8.28
C GLU A 186 -15.16 5.91 -8.27
N VAL A 187 -14.24 5.98 -7.30
CA VAL A 187 -13.21 4.97 -7.19
C VAL A 187 -13.82 3.62 -6.81
N VAL A 188 -14.82 3.64 -5.93
CA VAL A 188 -15.54 2.42 -5.61
C VAL A 188 -16.09 1.79 -6.88
N LYS A 189 -16.78 2.58 -7.69
CA LYS A 189 -17.37 2.06 -8.93
C LYS A 189 -16.31 1.48 -9.85
N ASP A 190 -15.20 2.20 -10.01
CA ASP A 190 -14.11 1.71 -10.86
C ASP A 190 -13.61 0.36 -10.37
N ALA A 191 -13.27 0.27 -9.08
CA ALA A 191 -12.76 -0.98 -8.53
C ALA A 191 -13.79 -2.10 -8.70
N TYR A 192 -15.07 -1.80 -8.49
CA TYR A 192 -16.12 -2.81 -8.69
C TYR A 192 -16.17 -3.25 -10.14
N ASP A 193 -16.19 -2.30 -11.08
CA ASP A 193 -16.30 -2.64 -12.49
C ASP A 193 -15.16 -3.56 -12.93
N MET A 194 -13.97 -3.38 -12.37
CA MET A 194 -12.86 -4.25 -12.73
C MET A 194 -13.05 -5.64 -12.13
N ALA A 195 -13.42 -5.70 -10.85
CA ALA A 195 -13.69 -6.99 -10.22
C ALA A 195 -14.85 -7.70 -10.90
N LYS A 196 -15.86 -6.94 -11.32
CA LYS A 196 -17.00 -7.52 -12.04
C LYS A 196 -16.55 -8.20 -13.32
N LEU A 197 -15.75 -7.49 -14.12
CA LEU A 197 -15.24 -8.06 -15.37
C LEU A 197 -14.54 -9.39 -15.11
N LEU A 198 -13.64 -9.42 -14.13
CA LEU A 198 -12.94 -10.66 -13.82
C LEU A 198 -13.91 -11.71 -13.30
N CYS A 199 -14.86 -11.30 -12.46
CA CYS A 199 -15.82 -12.24 -11.90
C CYS A 199 -16.71 -12.82 -12.99
N ASP A 200 -17.14 -11.98 -13.94
CA ASP A 200 -17.95 -12.47 -15.04
C ASP A 200 -17.15 -13.42 -15.93
N LYS A 201 -15.87 -13.13 -16.15
CA LYS A 201 -15.04 -13.98 -17.00
C LYS A 201 -14.80 -15.34 -16.37
N TYR A 202 -14.65 -15.40 -15.05
CA TYR A 202 -14.30 -16.65 -14.38
C TYR A 202 -15.54 -17.43 -13.92
N TYR A 203 -16.54 -16.75 -13.36
CA TYR A 203 -17.70 -17.42 -12.80
C TYR A 203 -18.94 -17.31 -13.66
N MET A 204 -18.91 -16.52 -14.74
CA MET A 204 -20.07 -16.33 -15.60
C MET A 204 -21.24 -15.73 -14.83
N ALA A 205 -20.94 -15.01 -13.76
CA ALA A 205 -21.96 -14.35 -12.94
C ALA A 205 -21.26 -13.46 -11.93
N SER A 206 -21.88 -12.32 -11.62
CA SER A 206 -21.28 -11.34 -10.73
C SER A 206 -22.36 -10.68 -9.88
N PRO A 207 -22.07 -10.37 -8.62
CA PRO A 207 -23.03 -9.60 -7.83
C PRO A 207 -23.14 -8.17 -8.33
N ASP A 208 -24.29 -7.56 -8.08
CA ASP A 208 -24.50 -6.16 -8.41
C ASP A 208 -23.92 -5.27 -7.32
N LEU A 209 -23.86 -3.97 -7.61
CA LEU A 209 -23.30 -2.98 -6.70
C LEU A 209 -24.38 -2.02 -6.23
N GLU A 210 -24.36 -1.71 -4.94
CA GLU A 210 -25.17 -0.65 -4.36
C GLU A 210 -24.27 0.24 -3.53
N ILE A 211 -24.36 1.56 -3.72
CA ILE A 211 -23.58 2.53 -2.97
C ILE A 211 -24.52 3.48 -2.26
N GLN A 212 -24.18 3.79 -1.01
CA GLN A 212 -24.91 4.77 -0.22
C GLN A 212 -23.91 5.68 0.48
N GLU A 213 -24.12 6.98 0.37
CA GLU A 213 -23.25 7.95 1.00
C GLU A 213 -23.94 8.55 2.22
N ILE A 214 -23.16 8.86 3.24
CA ILE A 214 -23.65 9.48 4.47
C ILE A 214 -22.70 10.64 4.76
N ASN A 215 -23.00 11.82 4.22
CA ASN A 215 -22.24 13.03 4.52
C ASN A 215 -22.92 13.68 5.72
N ALA A 216 -22.41 13.38 6.92
CA ALA A 216 -23.09 13.80 8.14
C ALA A 216 -23.26 15.31 8.19
N ALA A 217 -22.18 16.05 7.97
CA ALA A 217 -22.24 17.50 8.14
C ALA A 217 -22.98 18.19 7.01
N ASN A 218 -22.99 17.59 5.80
CA ASN A 218 -23.60 18.21 4.61
C ASN A 218 -24.33 17.11 3.83
N SER A 219 -25.52 16.76 4.32
CA SER A 219 -26.30 15.70 3.70
C SER A 219 -26.50 15.94 2.21
N LYS A 220 -26.45 14.86 1.44
CA LYS A 220 -26.67 14.85 -0.01
C LYS A 220 -25.61 15.62 -0.78
N GLN A 221 -24.55 16.08 -0.11
CA GLN A 221 -23.41 16.63 -0.84
C GLN A 221 -22.41 15.52 -1.14
N PRO A 222 -21.97 15.36 -2.37
CA PRO A 222 -21.07 14.23 -2.68
C PRO A 222 -19.83 14.27 -1.80
N ILE A 223 -19.37 13.08 -1.39
CA ILE A 223 -18.26 12.95 -0.47
C ILE A 223 -16.96 12.99 -1.26
N HIS A 224 -16.17 14.03 -1.03
CA HIS A 224 -14.84 14.17 -1.63
C HIS A 224 -13.79 14.20 -0.54
N MET A 225 -12.55 13.94 -0.93
CA MET A 225 -11.44 13.95 0.02
C MET A 225 -10.15 14.17 -0.75
N VAL A 226 -9.10 14.51 -0.01
CA VAL A 226 -7.74 14.52 -0.52
C VAL A 226 -7.14 13.15 -0.23
N TYR A 227 -6.79 12.40 -1.28
CA TYR A 227 -6.22 11.08 -1.08
C TYR A 227 -5.49 10.67 -2.36
N VAL A 228 -4.85 9.50 -2.29
CA VAL A 228 -4.20 8.89 -3.44
C VAL A 228 -5.17 7.89 -4.04
N PRO A 229 -5.88 8.23 -5.12
CA PRO A 229 -6.90 7.30 -5.63
C PRO A 229 -6.35 5.92 -5.99
N SER A 230 -5.12 5.84 -6.49
CA SER A 230 -4.57 4.52 -6.83
C SER A 230 -4.51 3.63 -5.61
N HIS A 231 -4.09 4.17 -4.46
CA HIS A 231 -4.08 3.39 -3.23
C HIS A 231 -5.50 2.96 -2.84
N LEU A 232 -6.46 3.88 -2.95
CA LEU A 232 -7.84 3.54 -2.62
C LEU A 232 -8.37 2.46 -3.54
N TYR A 233 -8.09 2.58 -4.84
CA TYR A 233 -8.51 1.57 -5.80
C TYR A 233 -7.97 0.19 -5.41
N HIS A 234 -6.68 0.12 -5.07
CA HIS A 234 -6.07 -1.17 -4.75
C HIS A 234 -6.81 -1.84 -3.59
N MET A 235 -7.07 -1.09 -2.52
CA MET A 235 -7.79 -1.65 -1.37
C MET A 235 -9.19 -2.11 -1.78
N LEU A 236 -9.95 -1.25 -2.44
CA LEU A 236 -11.31 -1.60 -2.83
C LEU A 236 -11.33 -2.74 -3.84
N PHE A 237 -10.32 -2.80 -4.71
CA PHE A 237 -10.28 -3.88 -5.70
C PHE A 237 -10.06 -5.23 -5.03
N GLU A 238 -9.13 -5.29 -4.06
N GLU A 238 -9.15 -5.29 -4.05
CA GLU A 238 -8.91 -6.54 -3.35
CA GLU A 238 -8.91 -6.55 -3.35
C GLU A 238 -10.16 -6.97 -2.59
C GLU A 238 -10.13 -6.97 -2.54
N LEU A 239 -10.82 -6.02 -1.92
CA LEU A 239 -12.01 -6.37 -1.14
C LEU A 239 -13.13 -6.84 -2.06
N PHE A 240 -13.33 -6.16 -3.19
CA PHE A 240 -14.37 -6.60 -4.13
C PHE A 240 -14.10 -8.01 -4.62
N LYS A 241 -12.84 -8.32 -4.98
CA LYS A 241 -12.53 -9.66 -5.46
C LYS A 241 -12.88 -10.72 -4.42
N ASN A 242 -12.59 -10.45 -3.16
CA ASN A 242 -12.93 -11.41 -2.10
C ASN A 242 -14.45 -11.48 -1.91
N ALA A 243 -15.11 -10.33 -1.86
CA ALA A 243 -16.55 -10.32 -1.62
C ALA A 243 -17.30 -10.98 -2.77
N MET A 244 -16.83 -10.80 -4.00
CA MET A 244 -17.48 -11.43 -5.15
C MET A 244 -17.23 -12.93 -5.16
N ARG A 245 -15.97 -13.34 -5.00
CA ARG A 245 -15.66 -14.77 -4.92
C ARG A 245 -16.56 -15.46 -3.90
N ALA A 246 -16.62 -14.91 -2.68
CA ALA A 246 -17.45 -15.52 -1.65
C ALA A 246 -18.92 -15.49 -2.02
N THR A 247 -19.40 -14.36 -2.55
CA THR A 247 -20.82 -14.24 -2.87
C THR A 247 -21.23 -15.25 -3.94
N VAL A 248 -20.39 -15.43 -4.96
CA VAL A 248 -20.74 -16.32 -6.06
C VAL A 248 -20.61 -17.78 -5.63
N GLU A 249 -19.47 -18.13 -5.03
CA GLU A 249 -19.24 -19.53 -4.66
C GLU A 249 -20.21 -20.00 -3.59
N SER A 250 -20.68 -19.10 -2.73
CA SER A 250 -21.62 -19.48 -1.67
C SER A 250 -23.05 -19.59 -2.16
N HIS A 251 -23.35 -19.10 -3.37
CA HIS A 251 -24.70 -19.17 -3.94
C HIS A 251 -24.72 -19.98 -5.23
N GLU A 252 -23.75 -20.86 -5.44
CA GLU A 252 -23.73 -21.66 -6.65
C GLU A 252 -24.99 -22.50 -6.78
N SER A 253 -25.48 -23.06 -5.68
CA SER A 253 -26.67 -23.88 -5.68
C SER A 253 -27.94 -23.05 -5.54
N SER A 254 -27.85 -21.73 -5.64
CA SER A 254 -28.99 -20.83 -5.52
C SER A 254 -29.10 -19.98 -6.77
N LEU A 255 -30.24 -19.30 -6.90
CA LEU A 255 -30.46 -18.36 -8.00
C LEU A 255 -30.16 -16.92 -7.57
N ILE A 256 -30.66 -16.51 -6.41
CA ILE A 256 -30.35 -15.18 -5.90
C ILE A 256 -28.85 -15.02 -5.74
N LEU A 257 -28.30 -13.95 -6.32
CA LEU A 257 -26.92 -13.55 -6.11
C LEU A 257 -26.94 -12.23 -5.35
N PRO A 258 -26.83 -12.24 -4.02
CA PRO A 258 -27.04 -10.99 -3.27
C PRO A 258 -26.07 -9.92 -3.73
N PRO A 259 -26.49 -8.67 -3.69
CA PRO A 259 -25.60 -7.57 -4.10
C PRO A 259 -24.53 -7.29 -3.05
N ILE A 260 -23.47 -6.65 -3.51
CA ILE A 260 -22.46 -6.09 -2.62
C ILE A 260 -22.85 -4.64 -2.35
N LYS A 261 -23.01 -4.30 -1.08
CA LYS A 261 -23.43 -2.98 -0.65
C LYS A 261 -22.24 -2.24 -0.05
N VAL A 262 -22.07 -0.98 -0.46
CA VAL A 262 -20.95 -0.16 -0.01
C VAL A 262 -21.51 1.14 0.56
N MET A 263 -21.17 1.43 1.81
CA MET A 263 -21.51 2.69 2.45
C MET A 263 -20.27 3.56 2.56
N VAL A 264 -20.38 4.80 2.10
CA VAL A 264 -19.32 5.79 2.24
C VAL A 264 -19.82 6.83 3.23
N ALA A 265 -19.20 6.87 4.42
CA ALA A 265 -19.59 7.78 5.48
C ALA A 265 -18.49 8.80 5.72
N LEU A 266 -18.89 10.06 5.87
CA LEU A 266 -17.96 11.16 6.13
C LEU A 266 -18.33 11.80 7.46
N GLY A 267 -17.43 11.68 8.44
CA GLY A 267 -17.58 12.33 9.72
C GLY A 267 -16.58 13.46 9.91
N GLU A 268 -16.59 14.01 11.13
CA GLU A 268 -15.70 15.11 11.45
C GLU A 268 -14.22 14.69 11.40
N GLU A 269 -13.94 13.41 11.54
CA GLU A 269 -12.58 12.91 11.63
C GLU A 269 -12.30 11.76 10.68
N ASP A 270 -13.26 10.85 10.51
CA ASP A 270 -13.08 9.65 9.71
C ASP A 270 -13.87 9.76 8.41
N LEU A 271 -13.29 9.21 7.34
CA LEU A 271 -14.03 8.88 6.13
C LEU A 271 -13.98 7.36 6.00
N SER A 272 -15.11 6.72 6.25
CA SER A 272 -15.18 5.26 6.37
C SER A 272 -15.92 4.67 5.19
N ILE A 273 -15.42 3.55 4.69
CA ILE A 273 -15.99 2.85 3.55
C ILE A 273 -16.21 1.41 3.97
N LYS A 274 -17.47 1.00 4.09
CA LYS A 274 -17.81 -0.36 4.45
C LYS A 274 -18.30 -1.12 3.22
N MET A 275 -17.76 -2.32 3.03
CA MET A 275 -18.19 -3.22 1.97
C MET A 275 -18.87 -4.42 2.61
N SER A 276 -20.16 -4.59 2.36
CA SER A 276 -20.96 -5.65 2.94
C SER A 276 -21.34 -6.65 1.86
N ASP A 277 -21.05 -7.92 2.10
CA ASP A 277 -21.46 -9.00 1.21
C ASP A 277 -22.24 -10.03 2.01
N ARG A 278 -22.93 -10.91 1.28
CA ARG A 278 -23.61 -12.05 1.87
C ARG A 278 -23.03 -13.35 1.31
N GLY A 279 -21.70 -13.46 1.33
CA GLY A 279 -21.04 -14.59 0.73
C GLY A 279 -20.80 -15.74 1.68
N GLY A 280 -21.69 -15.91 2.67
CA GLY A 280 -21.63 -17.02 3.59
C GLY A 280 -20.82 -16.77 4.84
N GLY A 281 -19.95 -15.76 4.82
CA GLY A 281 -19.17 -15.43 6.00
C GLY A 281 -18.01 -16.38 6.20
N VAL A 282 -17.22 -16.06 7.23
CA VAL A 282 -16.00 -16.80 7.55
C VAL A 282 -15.91 -16.96 9.06
N PRO A 283 -15.54 -18.13 9.57
CA PRO A 283 -15.39 -18.26 11.02
C PRO A 283 -14.33 -17.30 11.54
N LEU A 284 -14.58 -16.78 12.74
CA LEU A 284 -13.64 -15.81 13.32
C LEU A 284 -12.23 -16.37 13.33
N ARG A 285 -12.07 -17.67 13.56
CA ARG A 285 -10.74 -18.28 13.63
C ARG A 285 -9.93 -17.99 12.38
N LYS A 286 -10.58 -17.98 11.22
CA LYS A 286 -9.88 -17.77 9.95
C LYS A 286 -9.73 -16.31 9.59
N ILE A 287 -10.69 -15.46 9.95
CA ILE A 287 -10.58 -14.03 9.65
C ILE A 287 -9.27 -13.47 10.19
N GLU A 288 -8.92 -13.86 11.41
CA GLU A 288 -7.70 -13.36 12.05
C GLU A 288 -6.44 -13.85 11.36
N ARG A 289 -6.56 -14.76 10.39
CA ARG A 289 -5.42 -15.26 9.63
C ARG A 289 -5.36 -14.75 8.21
N LEU A 290 -6.38 -14.00 7.75
CA LEU A 290 -6.38 -13.47 6.39
C LEU A 290 -5.38 -12.34 6.21
N PHE A 291 -4.92 -11.73 7.30
CA PHE A 291 -3.94 -10.66 7.24
C PHE A 291 -2.52 -11.15 7.55
N SER A 292 -2.33 -12.46 7.67
CA SER A 292 -1.02 -13.02 7.96
C SER A 292 -0.33 -13.40 6.65
N TYR A 293 0.90 -12.91 6.47
CA TYR A 293 1.65 -13.25 5.27
C TYR A 293 1.93 -14.75 5.20
N MET A 294 2.31 -15.36 6.33
CA MET A 294 2.70 -16.76 6.32
C MET A 294 1.50 -17.66 6.08
N TYR A 295 0.40 -17.42 6.77
CA TYR A 295 -0.79 -18.24 6.58
C TYR A 295 -1.47 -17.95 5.26
N SER A 296 -1.28 -16.76 4.71
CA SER A 296 -1.79 -16.42 3.39
C SER A 296 -0.88 -16.90 2.27
N THR A 297 0.27 -17.48 2.60
CA THR A 297 1.19 -18.00 1.60
C THR A 297 0.95 -19.50 1.41
N ALA A 298 0.97 -19.93 0.15
CA ALA A 298 0.76 -21.33 -0.20
C ALA A 298 1.51 -21.63 -1.48
N PRO A 299 1.91 -22.89 -1.70
CA PRO A 299 2.65 -23.25 -2.92
C PRO A 299 1.87 -22.96 -4.21
N GLY A 314 -3.11 -13.33 -2.63
CA GLY A 314 -2.38 -13.80 -1.46
C GLY A 314 -2.18 -12.71 -0.42
N TYR A 315 -1.26 -11.78 -0.71
CA TYR A 315 -0.96 -10.68 0.19
C TYR A 315 -1.85 -9.46 -0.07
N GLY A 316 -2.91 -9.61 -0.87
CA GLY A 316 -3.76 -8.47 -1.16
C GLY A 316 -4.29 -7.80 0.09
N LEU A 317 -4.84 -8.60 1.01
CA LEU A 317 -5.42 -8.00 2.22
C LEU A 317 -4.36 -7.39 3.11
N PRO A 318 -3.31 -8.09 3.53
CA PRO A 318 -2.31 -7.45 4.42
C PRO A 318 -1.71 -6.19 3.82
N ILE A 319 -1.41 -6.20 2.52
CA ILE A 319 -0.88 -5.01 1.87
C ILE A 319 -1.95 -3.93 1.78
N SER A 320 -3.20 -4.31 1.47
CA SER A 320 -4.28 -3.34 1.46
C SER A 320 -4.37 -2.62 2.80
N ARG A 321 -4.26 -3.36 3.90
CA ARG A 321 -4.30 -2.73 5.21
C ARG A 321 -3.13 -1.76 5.40
N LEU A 322 -1.97 -2.08 4.82
CA LEU A 322 -0.83 -1.17 4.92
C LEU A 322 -1.11 0.13 4.16
N TYR A 323 -1.70 0.03 2.97
CA TYR A 323 -2.09 1.25 2.25
C TYR A 323 -3.00 2.12 3.10
N ALA A 324 -3.96 1.49 3.79
CA ALA A 324 -4.85 2.26 4.66
C ALA A 324 -4.09 2.89 5.82
N LYS A 325 -3.15 2.15 6.41
CA LYS A 325 -2.39 2.68 7.53
C LYS A 325 -1.37 3.73 7.11
N TYR A 326 -0.96 3.71 5.85
CA TYR A 326 0.11 4.61 5.39
C TYR A 326 -0.22 6.07 5.69
N PHE A 327 -1.50 6.43 5.67
CA PHE A 327 -1.93 7.78 6.00
C PHE A 327 -2.83 7.78 7.23
N GLN A 328 -2.47 6.98 8.23
CA GLN A 328 -3.13 7.00 9.54
C GLN A 328 -4.52 6.40 9.49
N GLY A 329 -4.79 5.52 8.53
CA GLY A 329 -6.04 4.81 8.45
C GLY A 329 -5.91 3.38 8.91
N ASP A 330 -6.88 2.56 8.52
CA ASP A 330 -6.88 1.15 8.87
C ASP A 330 -7.83 0.41 7.95
N LEU A 331 -7.72 -0.93 7.99
CA LEU A 331 -8.61 -1.80 7.23
C LEU A 331 -8.96 -2.98 8.13
N GLN A 332 -10.24 -3.17 8.40
CA GLN A 332 -10.69 -4.18 9.34
C GLN A 332 -11.77 -5.04 8.71
N LEU A 333 -11.80 -6.31 9.13
CA LEU A 333 -12.77 -7.28 8.65
C LEU A 333 -13.56 -7.82 9.82
N PHE A 334 -14.88 -7.90 9.63
N PHE A 334 -14.88 -7.89 9.67
CA PHE A 334 -15.80 -8.47 10.60
CA PHE A 334 -15.73 -8.55 10.65
C PHE A 334 -16.80 -9.33 9.83
C PHE A 334 -16.81 -9.32 9.92
N SER A 335 -16.79 -10.63 10.09
CA SER A 335 -17.65 -11.56 9.38
C SER A 335 -18.70 -12.15 10.31
N MET A 336 -19.68 -12.81 9.70
N MET A 336 -19.66 -12.83 9.70
CA MET A 336 -20.72 -13.52 10.43
CA MET A 336 -20.73 -13.52 10.42
C MET A 336 -20.91 -14.85 9.70
C MET A 336 -20.94 -14.85 9.70
N GLU A 337 -20.27 -15.90 10.19
CA GLU A 337 -20.32 -17.20 9.54
C GLU A 337 -21.76 -17.62 9.33
N GLY A 338 -22.10 -17.96 8.08
CA GLY A 338 -23.44 -18.32 7.70
C GLY A 338 -24.22 -17.21 7.02
N PHE A 339 -23.68 -15.99 7.00
CA PHE A 339 -24.39 -14.87 6.40
C PHE A 339 -23.49 -14.11 5.43
N GLY A 340 -22.53 -13.37 5.95
CA GLY A 340 -21.70 -12.55 5.09
C GLY A 340 -20.57 -11.91 5.86
N THR A 341 -19.96 -10.91 5.23
CA THR A 341 -18.77 -10.28 5.76
C THR A 341 -18.79 -8.78 5.49
N ASP A 342 -18.42 -8.01 6.50
CA ASP A 342 -18.21 -6.58 6.37
C ASP A 342 -16.72 -6.28 6.37
N ALA A 343 -16.30 -5.42 5.46
CA ALA A 343 -14.94 -4.90 5.41
C ALA A 343 -15.03 -3.38 5.43
N VAL A 344 -14.22 -2.75 6.29
CA VAL A 344 -14.27 -1.30 6.47
C VAL A 344 -12.88 -0.73 6.25
N ILE A 345 -12.78 0.22 5.32
CA ILE A 345 -11.59 1.04 5.17
C ILE A 345 -11.80 2.30 5.98
N TYR A 346 -10.93 2.51 6.97
CA TYR A 346 -10.92 3.73 7.79
C TYR A 346 -9.89 4.66 7.16
N LEU A 347 -10.27 5.87 6.78
CA LEU A 347 -9.36 6.90 6.31
C LEU A 347 -9.55 8.16 7.14
N LYS A 348 -8.52 9.01 7.16
CA LYS A 348 -8.63 10.32 7.78
C LYS A 348 -9.38 11.26 6.83
N ALA A 349 -10.40 11.93 7.34
CA ALA A 349 -11.20 12.81 6.50
C ALA A 349 -10.46 14.09 6.13
N LEU A 350 -9.55 14.54 7.00
CA LEU A 350 -8.88 15.82 6.84
C LEU A 350 -7.43 15.63 6.40
N SER A 351 -7.01 16.43 5.44
CA SER A 351 -5.62 16.35 4.96
C SER A 351 -4.64 16.68 6.07
N THR A 352 -5.04 17.48 7.05
CA THR A 352 -4.15 17.80 8.16
C THR A 352 -3.84 16.57 9.00
N ASP A 353 -4.81 15.65 9.14
CA ASP A 353 -4.60 14.41 9.87
C ASP A 353 -4.01 13.30 9.00
N SER A 354 -3.92 13.51 7.69
CA SER A 354 -3.35 12.52 6.78
C SER A 354 -1.85 12.73 6.73
N VAL A 355 -1.11 11.93 7.50
CA VAL A 355 0.34 12.03 7.58
C VAL A 355 0.92 10.64 7.37
N GLU A 356 2.08 10.60 6.72
CA GLU A 356 2.76 9.34 6.49
C GLU A 356 2.98 8.60 7.80
N ARG A 357 2.65 7.30 7.78
CA ARG A 357 2.98 6.38 8.87
C ARG A 357 4.17 5.57 8.42
N LEU A 358 5.36 5.97 8.87
CA LEU A 358 6.60 5.26 8.45
C LEU A 358 6.99 4.31 9.57
N PRO A 359 7.70 3.17 9.32
CA PRO A 359 8.01 2.23 10.40
C PRO A 359 8.87 2.92 11.47
N VAL A 360 8.68 2.54 12.73
CA VAL A 360 9.46 3.19 13.83
C VAL A 360 10.76 2.40 14.01
N TYR A 361 11.89 2.99 13.61
CA TYR A 361 13.19 2.27 13.67
C TYR A 361 13.92 2.64 14.97
CL CL B . 11.09 -2.51 -2.67
C ACT C . 3.37 -2.48 -2.34
O ACT C . 2.60 -3.15 -3.07
OXT ACT C . 3.92 -1.35 -2.57
CH3 ACT C . 3.71 -3.13 -0.96
C ACT D . 11.22 1.00 -4.07
O ACT D . 10.32 0.12 -4.19
OXT ACT D . 11.53 1.92 -4.88
CH3 ACT D . 12.04 0.94 -2.75
S DMS E . 8.32 14.66 -3.02
O DMS E . 8.12 15.36 -4.32
C1 DMS E . 9.46 15.62 -2.00
C2 DMS E . 6.82 14.78 -2.01
S DMS F . 10.82 -13.63 4.15
O DMS F . 11.96 -13.46 3.19
C1 DMS F . 10.76 -12.20 5.26
C2 DMS F . 11.21 -14.93 5.35
C02 W6P G . -15.36 -13.31 2.66
C03 W6P G . -13.90 -13.16 3.11
C04 W6P G . -13.60 -11.73 2.76
C05 W6P G . -12.45 -10.99 2.91
C06 W6P G . -12.46 -9.65 2.50
C07 W6P G . -13.62 -9.08 1.93
C08 W6P G . -14.79 -9.84 1.78
C09 W6P G . -14.75 -11.16 2.20
N10 W6P G . -15.76 -12.09 2.14
O01 W6P G . -16.05 -14.31 2.74
#